data_5K7N
# 
_entry.id   5K7N 
# 
_audit_conform.dict_name       mmcif_pdbx.dic 
_audit_conform.dict_version    5.387 
_audit_conform.dict_location   http://mmcif.pdb.org/dictionaries/ascii/mmcif_pdbx.dic 
# 
loop_
_database_2.database_id 
_database_2.database_code 
_database_2.pdbx_database_accession 
_database_2.pdbx_DOI 
PDB   5K7N         pdb_00005k7n 10.2210/pdb5k7n/pdb 
WWPDB D_1000221815 ?            ?                   
EMDB  EMD-8216     ?            ?                   
# 
loop_
_pdbx_audit_revision_history.ordinal 
_pdbx_audit_revision_history.data_content_type 
_pdbx_audit_revision_history.major_revision 
_pdbx_audit_revision_history.minor_revision 
_pdbx_audit_revision_history.revision_date 
1 'Structure model' 1 0 2017-04-05 
2 'Structure model' 1 1 2017-04-12 
3 'Structure model' 1 2 2017-09-13 
4 'Structure model' 1 3 2018-08-22 
5 'Structure model' 1 4 2019-12-18 
6 'Structure model' 1 5 2024-02-28 
# 
_pdbx_audit_revision_details.ordinal             1 
_pdbx_audit_revision_details.revision_ordinal    1 
_pdbx_audit_revision_details.data_content_type   'Structure model' 
_pdbx_audit_revision_details.provider            repository 
_pdbx_audit_revision_details.type                'Initial release' 
_pdbx_audit_revision_details.description         ? 
_pdbx_audit_revision_details.details             ? 
# 
loop_
_pdbx_audit_revision_group.ordinal 
_pdbx_audit_revision_group.revision_ordinal 
_pdbx_audit_revision_group.data_content_type 
_pdbx_audit_revision_group.group 
1 2 'Structure model' 'Database references'        
2 3 'Structure model' 'Author supporting evidence' 
3 4 'Structure model' 'Data collection'            
4 4 'Structure model' 'Database references'        
5 5 'Structure model' 'Author supporting evidence' 
6 6 'Structure model' 'Data collection'            
7 6 'Structure model' 'Database references'        
# 
loop_
_pdbx_audit_revision_category.ordinal 
_pdbx_audit_revision_category.revision_ordinal 
_pdbx_audit_revision_category.data_content_type 
_pdbx_audit_revision_category.category 
1 3 'Structure model' pdbx_audit_support        
2 4 'Structure model' pdbx_related_exp_data_set 
3 5 'Structure model' pdbx_audit_support        
4 6 'Structure model' chem_comp_atom            
5 6 'Structure model' chem_comp_bond            
6 6 'Structure model' database_2                
# 
loop_
_pdbx_audit_revision_item.ordinal 
_pdbx_audit_revision_item.revision_ordinal 
_pdbx_audit_revision_item.data_content_type 
_pdbx_audit_revision_item.item 
1 3 'Structure model' '_pdbx_audit_support.funding_organization'  
2 4 'Structure model' '_pdbx_related_exp_data_set.data_reference' 
3 5 'Structure model' '_pdbx_audit_support.funding_organization'  
4 6 'Structure model' '_database_2.pdbx_DOI'                      
5 6 'Structure model' '_database_2.pdbx_database_accession'       
# 
_pdbx_database_status.status_code                     REL 
_pdbx_database_status.status_code_sf                  REL 
_pdbx_database_status.status_code_mr                  ? 
_pdbx_database_status.entry_id                        5K7N 
_pdbx_database_status.recvd_initial_deposition_date   2016-05-26 
_pdbx_database_status.SG_entry                        N 
_pdbx_database_status.deposit_site                    RCSB 
_pdbx_database_status.process_site                    RCSB 
_pdbx_database_status.status_code_cs                  ? 
_pdbx_database_status.methods_development_category    ? 
_pdbx_database_status.pdb_format_compatible           Y 
_pdbx_database_status.status_code_nmr_data            ? 
# 
loop_
_pdbx_database_related.db_name 
_pdbx_database_related.details 
_pdbx_database_related.db_id 
_pdbx_database_related.content_type 
EMDB . EMD-8216 'associated EM volume' 
EMDB . EMD-8217 'other EM volume'      
EMDB . EMD-8218 'other EM volume'      
EMDB . EMD-8219 'other EM volume'      
EMDB . EMD-8220 'other EM volume'      
EMDB . EMD-8221 'other EM volume'      
EMDB . EMD-8222 'other EM volume'      
PDB  . 5K7O     unspecified            
PDB  . 5K7P     unspecified            
PDB  . 5K7Q     unspecified            
PDB  . 5K7R     unspecified            
PDB  . 5K7S     unspecified            
PDB  . 5K7T     unspecified            
# 
loop_
_audit_author.name 
_audit_author.pdbx_ordinal 
_audit_author.identifier_ORCID 
'de la Cruz, M.J.' 1  ? 
'Hattne, J.'       2  ? 
'Shi, D.'          3  ? 
'Seidler, P.'      4  ? 
'Rodriguez, J.'    5  ? 
'Reyes, F.E.'      6  ? 
'Sawaya, M.R.'     7  ? 
'Cascio, D.'       8  ? 
'Eisenberg, D.'    9  ? 
'Gonen, T.'        10 ? 
# 
_citation.abstract                  ? 
_citation.abstract_id_CAS           ? 
_citation.book_id_ISBN              ? 
_citation.book_publisher            ? 
_citation.book_publisher_city       ? 
_citation.book_title                ? 
_citation.coordinate_linkage        ? 
_citation.country                   US 
_citation.database_id_Medline       ? 
_citation.details                   ? 
_citation.id                        primary 
_citation.journal_abbrev            'Nat. Methods' 
_citation.journal_id_ASTM           ? 
_citation.journal_id_CSD            ? 
_citation.journal_id_ISSN           1548-7105 
_citation.journal_full              ? 
_citation.journal_issue             ? 
_citation.journal_volume            14 
_citation.language                  ? 
_citation.page_first                399 
_citation.page_last                 402 
_citation.title                     'Atomic-resolution structures from fragmented protein crystals with the cryoEM method MicroED.' 
_citation.year                      2017 
_citation.database_id_CSD           ? 
_citation.pdbx_database_id_DOI      10.1038/nmeth.4178 
_citation.pdbx_database_id_PubMed   28192420 
_citation.unpublished_flag          ? 
# 
loop_
_citation_author.citation_id 
_citation_author.name 
_citation_author.ordinal 
_citation_author.identifier_ORCID 
primary 'de la Cruz, M.J.' 1  ? 
primary 'Hattne, J.'       2  ? 
primary 'Shi, D.'          3  ? 
primary 'Seidler, P.'      4  ? 
primary 'Rodriguez, J.'    5  ? 
primary 'Reyes, F.E.'      6  ? 
primary 'Sawaya, M.R.'     7  ? 
primary 'Cascio, D.'       8  ? 
primary 'Weiss, S.C.'      9  ? 
primary 'Kim, S.K.'        10 ? 
primary 'Hinck, C.S.'      11 ? 
primary 'Hinck, A.P.'      12 ? 
primary 'Calero, G.'       13 ? 
primary 'Eisenberg, D.'    14 ? 
primary 'Gonen, T.'        15 ? 
# 
loop_
_entity.id 
_entity.type 
_entity.src_method 
_entity.pdbx_description 
_entity.formula_weight 
_entity.pdbx_number_of_molecules 
_entity.pdbx_ec 
_entity.pdbx_mutation 
_entity.pdbx_fragment 
_entity.details 
1 polymer syn VQIVYK 749.917 1 ? ? ? ? 
2 water   nat water  18.015  2 ? ? ? ? 
# 
_entity_name_com.entity_id   1 
_entity_name_com.name        'tau peptide' 
# 
_entity_poly.entity_id                      1 
_entity_poly.type                           'polypeptide(L)' 
_entity_poly.nstd_linkage                   no 
_entity_poly.nstd_monomer                   no 
_entity_poly.pdbx_seq_one_letter_code       VQIVYK 
_entity_poly.pdbx_seq_one_letter_code_can   VQIVYK 
_entity_poly.pdbx_strand_id                 Z 
_entity_poly.pdbx_target_identifier         ? 
# 
_pdbx_entity_nonpoly.entity_id   2 
_pdbx_entity_nonpoly.name        water 
_pdbx_entity_nonpoly.comp_id     HOH 
# 
loop_
_entity_poly_seq.entity_id 
_entity_poly_seq.num 
_entity_poly_seq.mon_id 
_entity_poly_seq.hetero 
1 1 VAL n 
1 2 GLN n 
1 3 ILE n 
1 4 VAL n 
1 5 TYR n 
1 6 LYS n 
# 
_pdbx_entity_src_syn.entity_id              1 
_pdbx_entity_src_syn.pdbx_src_id            1 
_pdbx_entity_src_syn.pdbx_alt_source_flag   sample 
_pdbx_entity_src_syn.pdbx_beg_seq_num       1 
_pdbx_entity_src_syn.pdbx_end_seq_num       6 
_pdbx_entity_src_syn.organism_scientific    'Homo sapiens' 
_pdbx_entity_src_syn.organism_common_name   human 
_pdbx_entity_src_syn.ncbi_taxonomy_id       9606 
_pdbx_entity_src_syn.details                ? 
# 
loop_
_chem_comp.id 
_chem_comp.type 
_chem_comp.mon_nstd_flag 
_chem_comp.name 
_chem_comp.pdbx_synonyms 
_chem_comp.formula 
_chem_comp.formula_weight 
GLN 'L-peptide linking' y GLUTAMINE  ? 'C5 H10 N2 O3'   146.144 
HOH non-polymer         . WATER      ? 'H2 O'           18.015  
ILE 'L-peptide linking' y ISOLEUCINE ? 'C6 H13 N O2'    131.173 
LYS 'L-peptide linking' y LYSINE     ? 'C6 H15 N2 O2 1' 147.195 
TYR 'L-peptide linking' y TYROSINE   ? 'C9 H11 N O3'    181.189 
VAL 'L-peptide linking' y VALINE     ? 'C5 H11 N O2'    117.146 
# 
loop_
_pdbx_poly_seq_scheme.asym_id 
_pdbx_poly_seq_scheme.entity_id 
_pdbx_poly_seq_scheme.seq_id 
_pdbx_poly_seq_scheme.mon_id 
_pdbx_poly_seq_scheme.ndb_seq_num 
_pdbx_poly_seq_scheme.pdb_seq_num 
_pdbx_poly_seq_scheme.auth_seq_num 
_pdbx_poly_seq_scheme.pdb_mon_id 
_pdbx_poly_seq_scheme.auth_mon_id 
_pdbx_poly_seq_scheme.pdb_strand_id 
_pdbx_poly_seq_scheme.pdb_ins_code 
_pdbx_poly_seq_scheme.hetero 
A 1 1 VAL 1 1 1 VAL VAL Z . n 
A 1 2 GLN 2 2 2 GLN GLN Z . n 
A 1 3 ILE 3 3 3 ILE ILE Z . n 
A 1 4 VAL 4 4 4 VAL VAL Z . n 
A 1 5 TYR 5 5 5 TYR TYR Z . n 
A 1 6 LYS 6 6 6 LYS LYS Z . n 
# 
loop_
_pdbx_nonpoly_scheme.asym_id 
_pdbx_nonpoly_scheme.entity_id 
_pdbx_nonpoly_scheme.mon_id 
_pdbx_nonpoly_scheme.ndb_seq_num 
_pdbx_nonpoly_scheme.pdb_seq_num 
_pdbx_nonpoly_scheme.auth_seq_num 
_pdbx_nonpoly_scheme.pdb_mon_id 
_pdbx_nonpoly_scheme.auth_mon_id 
_pdbx_nonpoly_scheme.pdb_strand_id 
_pdbx_nonpoly_scheme.pdb_ins_code 
B 2 HOH 1 101 1 HOH HOH Z . 
B 2 HOH 2 102 2 HOH HOH Z . 
# 
_software.citation_id            ? 
_software.classification         refinement 
_software.compiler_name          ? 
_software.compiler_version       ? 
_software.contact_author         ? 
_software.contact_author_email   ? 
_software.date                   ? 
_software.description            ? 
_software.dependencies           ? 
_software.hardware               ? 
_software.language               ? 
_software.location               ? 
_software.mods                   ? 
_software.name                   BUSTER 
_software.os                     ? 
_software.os_version             ? 
_software.type                   ? 
_software.version                2.10.0 
_software.pdbx_ordinal           1 
# 
_cell.angle_alpha                  90.00 
_cell.angle_alpha_esd              ? 
_cell.angle_beta                   111.55 
_cell.angle_beta_esd               ? 
_cell.angle_gamma                  90.00 
_cell.angle_gamma_esd              ? 
_cell.entry_id                     5K7N 
_cell.details                      ? 
_cell.formula_units_Z              ? 
_cell.length_a                     29.420 
_cell.length_a_esd                 ? 
_cell.length_b                     4.990 
_cell.length_b_esd                 ? 
_cell.length_c                     37.170 
_cell.length_c_esd                 ? 
_cell.volume                       ? 
_cell.volume_esd                   ? 
_cell.Z_PDB                        4 
_cell.reciprocal_angle_alpha       ? 
_cell.reciprocal_angle_beta        ? 
_cell.reciprocal_angle_gamma       ? 
_cell.reciprocal_angle_alpha_esd   ? 
_cell.reciprocal_angle_beta_esd    ? 
_cell.reciprocal_angle_gamma_esd   ? 
_cell.reciprocal_length_a          ? 
_cell.reciprocal_length_b          ? 
_cell.reciprocal_length_c          ? 
_cell.reciprocal_length_a_esd      ? 
_cell.reciprocal_length_b_esd      ? 
_cell.reciprocal_length_c_esd      ? 
_cell.pdbx_unique_axis             ? 
# 
_symmetry.entry_id                         5K7N 
_symmetry.cell_setting                     ? 
_symmetry.Int_Tables_number                5 
_symmetry.space_group_name_Hall            ? 
_symmetry.space_group_name_H-M             'C 1 2 1' 
_symmetry.pdbx_full_space_group_name_H-M   ? 
# 
_exptl.absorpt_coefficient_mu     ? 
_exptl.absorpt_correction_T_max   ? 
_exptl.absorpt_correction_T_min   ? 
_exptl.absorpt_correction_type    ? 
_exptl.absorpt_process_details    ? 
_exptl.entry_id                   5K7N 
_exptl.crystals_number            ? 
_exptl.details                    ? 
_exptl.method                     'ELECTRON CRYSTALLOGRAPHY' 
_exptl.method_details             ? 
# 
_exptl_crystal.id                    1 
_exptl_crystal.density_meas          ? 
_exptl_crystal.density_Matthews      ? 
_exptl_crystal.density_percent_sol   ? 
_exptl_crystal.description           ? 
# 
_diffrn.id                     1 
_diffrn.ambient_temp           ? 
_diffrn.ambient_temp_details   ? 
_diffrn.crystal_id             1 
# 
_reflns.pdbx_ordinal                 1 
_reflns.pdbx_diffrn_id               1 
_reflns.B_iso_Wilson_estimate        8.35 
_reflns.entry_id                     5K7N 
_reflns.d_resolution_high            1.10 
_reflns.d_resolution_low             14.70 
_reflns.number_all                   6185 
_reflns.number_obs                   3319 
_reflns.percent_possible_obs         83.0 
_reflns.pdbx_redundancy              1.9 
_reflns.pdbx_Rmerge_I_obs            0.126 
_reflns.pdbx_Rsym_value              0.126 
_reflns.pdbx_netI_over_sigmaI        2.4 
_reflns.observed_criterion_sigma_I   ? 
_reflns.observed_criterion_sigma_F   ? 
_reflns.pdbx_CC_half                 ? 
# 
_reflns_shell.pdbx_ordinal                1 
_reflns_shell.d_res_high                  1.10 
_reflns_shell.d_res_low                   1.23 
_reflns_shell.number_unique_all           463 
_reflns_shell.number_unique_obs           255 
_reflns_shell.percent_possible_all        79.4 
_reflns_shell.Rmerge_I_obs                0.472 
_reflns_shell.pdbx_redundancy             1.8 
_reflns_shell.pdbx_Rsym_value             0.472 
_reflns_shell.pdbx_netI_over_sigmaI_obs   1.1 
_reflns_shell.pdbx_diffrn_id              1 
_reflns_shell.meanI_over_sigI_obs         ? 
_reflns_shell.number_measured_obs         ? 
_reflns_shell.pdbx_CC_half                ? 
# 
_refine.aniso_B[1][1]                            1.6602 
_refine.aniso_B[1][2]                            0.0000 
_refine.aniso_B[1][3]                            3.1898 
_refine.aniso_B[2][2]                            0.0678 
_refine.aniso_B[2][3]                            0.0000 
_refine.aniso_B[3][3]                            -1.7280 
_refine.B_iso_max                                ? 
_refine.B_iso_mean                               13.51 
_refine.B_iso_min                                ? 
_refine.correlation_coeff_Fo_to_Fc               0.9486 
_refine.correlation_coeff_Fo_to_Fc_free          0.9516 
_refine.details                                  ? 
_refine.diff_density_max                         ? 
_refine.diff_density_max_esd                     ? 
_refine.diff_density_min                         ? 
_refine.diff_density_min_esd                     ? 
_refine.diff_density_rms                         ? 
_refine.diff_density_rms_esd                     ? 
_refine.entry_id                                 5K7N 
_refine.pdbx_refine_id                           'ELECTRON CRYSTALLOGRAPHY' 
_refine.ls_abs_structure_details                 ? 
_refine.ls_abs_structure_Flack                   ? 
_refine.ls_abs_structure_Flack_esd               ? 
_refine.ls_abs_structure_Rogers                  ? 
_refine.ls_abs_structure_Rogers_esd              ? 
_refine.ls_d_res_high                            1.10 
_refine.ls_d_res_low                             14.70 
_refine.ls_extinction_coef                       ? 
_refine.ls_extinction_coef_esd                   ? 
_refine.ls_extinction_expression                 ? 
_refine.ls_extinction_method                     ? 
_refine.ls_goodness_of_fit_all                   ? 
_refine.ls_goodness_of_fit_all_esd               ? 
_refine.ls_goodness_of_fit_obs                   ? 
_refine.ls_goodness_of_fit_obs_esd               ? 
_refine.ls_hydrogen_treatment                    ? 
_refine.ls_matrix_type                           ? 
_refine.ls_number_constraints                    ? 
_refine.ls_number_parameters                     ? 
_refine.ls_number_reflns_all                     ? 
_refine.ls_number_reflns_obs                     1898 
_refine.ls_number_reflns_R_free                  190 
_refine.ls_number_reflns_R_work                  ? 
_refine.ls_number_restraints                     ? 
_refine.ls_percent_reflns_obs                    81.11 
_refine.ls_percent_reflns_R_free                 10.01 
_refine.ls_R_factor_all                          ? 
_refine.ls_R_factor_obs                          0.2110 
_refine.ls_R_factor_R_free                       0.2228 
_refine.ls_R_factor_R_free_error                 ? 
_refine.ls_R_factor_R_free_error_details         ? 
_refine.ls_R_factor_R_work                       0.2097 
_refine.ls_R_Fsqd_factor_obs                     ? 
_refine.ls_R_I_factor_obs                        ? 
_refine.ls_redundancy_reflns_all                 ? 
_refine.ls_redundancy_reflns_obs                 ? 
_refine.ls_restrained_S_all                      ? 
_refine.ls_restrained_S_obs                      ? 
_refine.ls_shift_over_esd_max                    ? 
_refine.ls_shift_over_esd_mean                   ? 
_refine.ls_structure_factor_coef                 ? 
_refine.ls_weighting_details                     ? 
_refine.ls_weighting_scheme                      ? 
_refine.ls_wR_factor_all                         ? 
_refine.ls_wR_factor_obs                         ? 
_refine.ls_wR_factor_R_free                      ? 
_refine.ls_wR_factor_R_work                      ? 
_refine.occupancy_max                            ? 
_refine.occupancy_min                            ? 
_refine.solvent_model_details                    ? 
_refine.solvent_model_param_bsol                 ? 
_refine.solvent_model_param_ksol                 ? 
_refine.ls_R_factor_gt                           ? 
_refine.ls_goodness_of_fit_gt                    ? 
_refine.ls_goodness_of_fit_ref                   ? 
_refine.ls_shift_over_su_max                     ? 
_refine.ls_shift_over_su_max_lt                  ? 
_refine.ls_shift_over_su_mean                    ? 
_refine.ls_shift_over_su_mean_lt                 ? 
_refine.pdbx_ls_sigma_I                          ? 
_refine.pdbx_ls_sigma_F                          0.0 
_refine.pdbx_ls_sigma_Fsqd                       ? 
_refine.pdbx_data_cutoff_high_absF               ? 
_refine.pdbx_data_cutoff_high_rms_absF           ? 
_refine.pdbx_data_cutoff_low_absF                ? 
_refine.pdbx_isotropic_thermal_model             ? 
_refine.pdbx_ls_cross_valid_method               THROUGHOUT 
_refine.pdbx_method_to_determine_struct          ? 
_refine.pdbx_starting_model                      ? 
_refine.pdbx_stereochemistry_target_values       ? 
_refine.pdbx_R_Free_selection_details            RANDOM 
_refine.pdbx_stereochem_target_val_spec_case     ? 
_refine.pdbx_overall_ESU_R                       ? 
_refine.pdbx_overall_ESU_R_Free                  ? 
_refine.pdbx_solvent_vdw_probe_radii             ? 
_refine.pdbx_solvent_ion_probe_radii             ? 
_refine.pdbx_solvent_shrinkage_radii             ? 
_refine.pdbx_real_space_R                        ? 
_refine.pdbx_density_correlation                 ? 
_refine.pdbx_pd_number_of_powder_patterns        ? 
_refine.pdbx_pd_number_of_points                 ? 
_refine.pdbx_pd_meas_number_of_points            ? 
_refine.pdbx_pd_proc_ls_prof_R_factor            ? 
_refine.pdbx_pd_proc_ls_prof_wR_factor           ? 
_refine.pdbx_pd_Marquardt_correlation_coeff      ? 
_refine.pdbx_pd_Fsqrd_R_factor                   ? 
_refine.pdbx_pd_ls_matrix_band_width             ? 
_refine.pdbx_overall_phase_error                 ? 
_refine.pdbx_overall_SU_R_free_Cruickshank_DPI   0.045 
_refine.pdbx_overall_SU_R_free_Blow_DPI          0.046 
_refine.pdbx_overall_SU_R_Blow_DPI               0.046 
_refine.pdbx_TLS_residual_ADP_flag               ? 
_refine.pdbx_diffrn_id                           1 
_refine.overall_SU_B                             ? 
_refine.overall_SU_ML                            ? 
_refine.overall_SU_R_Cruickshank_DPI             0.048 
_refine.overall_SU_R_free                        ? 
_refine.overall_FOM_free_R_set                   ? 
_refine.overall_FOM_work_R_set                   ? 
_refine.pdbx_average_fsc_overall                 ? 
_refine.pdbx_average_fsc_work                    ? 
_refine.pdbx_average_fsc_free                    ? 
# 
_refine_analyze.entry_id                        5K7N 
_refine_analyze.pdbx_refine_id                  'ELECTRON CRYSTALLOGRAPHY' 
_refine_analyze.Luzzati_coordinate_error_free   ? 
_refine_analyze.Luzzati_coordinate_error_obs    0.203 
_refine_analyze.Luzzati_d_res_low_free          ? 
_refine_analyze.Luzzati_d_res_low_obs           ? 
_refine_analyze.Luzzati_sigma_a_free            ? 
_refine_analyze.Luzzati_sigma_a_free_details    ? 
_refine_analyze.Luzzati_sigma_a_obs             ? 
_refine_analyze.Luzzati_sigma_a_obs_details     ? 
_refine_analyze.number_disordered_residues      ? 
_refine_analyze.occupancy_sum_hydrogen          ? 
_refine_analyze.occupancy_sum_non_hydrogen      ? 
_refine_analyze.RG_d_res_high                   ? 
_refine_analyze.RG_d_res_low                    ? 
_refine_analyze.RG_free                         ? 
_refine_analyze.RG_work                         ? 
_refine_analyze.RG_free_work_ratio              ? 
_refine_analyze.pdbx_Luzzati_d_res_high_obs     ? 
# 
loop_
_refine_ls_restr.pdbx_refine_id 
_refine_ls_restr.criterion 
_refine_ls_restr.dev_ideal 
_refine_ls_restr.dev_ideal_target 
_refine_ls_restr.number 
_refine_ls_restr.rejects 
_refine_ls_restr.type 
_refine_ls_restr.weight 
_refine_ls_restr.pdbx_restraint_function 
'ELECTRON CRYSTALLOGRAPHY' ? 0.012 ? 111 ? t_bond_d                  2.00  HARMONIC     
'ELECTRON CRYSTALLOGRAPHY' ? 0.77  ? 202 ? t_angle_deg               2.00  HARMONIC     
'ELECTRON CRYSTALLOGRAPHY' ? ?     ? 26  ? t_dihedral_angle_d        2.00  SINUSOIDAL   
'ELECTRON CRYSTALLOGRAPHY' ? ?     ? ?   ? t_incorr_chiral_ct        ?     ?            
'ELECTRON CRYSTALLOGRAPHY' ? ?     ? ?   ? t_pseud_angle             ?     ?            
'ELECTRON CRYSTALLOGRAPHY' ? ?     ? 2   ? t_trig_c_planes           2.00  HARMONIC     
'ELECTRON CRYSTALLOGRAPHY' ? ?     ? 12  ? t_gen_planes              5.00  HARMONIC     
'ELECTRON CRYSTALLOGRAPHY' ? ?     ? 111 ? t_it                      20.00 HARMONIC     
'ELECTRON CRYSTALLOGRAPHY' ? ?     ? 0   ? t_nbd                     5.00  SEMIHARMONIC 
'ELECTRON CRYSTALLOGRAPHY' ? 1.62  ? ?   ? t_omega_torsion           ?     ?            
'ELECTRON CRYSTALLOGRAPHY' ? 9.65  ? ?   ? t_other_torsion           ?     ?            
'ELECTRON CRYSTALLOGRAPHY' ? ?     ? ?   ? t_improper_torsion        ?     ?            
'ELECTRON CRYSTALLOGRAPHY' ? ?     ? 7   ? t_chiral_improper_torsion 5.00  SEMIHARMONIC 
'ELECTRON CRYSTALLOGRAPHY' ? ?     ? ?   ? t_sum_occupancies         ?     ?            
'ELECTRON CRYSTALLOGRAPHY' ? ?     ? ?   ? t_utility_distance        ?     ?            
'ELECTRON CRYSTALLOGRAPHY' ? ?     ? ?   ? t_utility_angle           ?     ?            
'ELECTRON CRYSTALLOGRAPHY' ? ?     ? ?   ? t_utility_torsion         ?     ?            
'ELECTRON CRYSTALLOGRAPHY' ? ?     ? 68  ? t_ideal_dist_contact      4.00  SEMIHARMONIC 
# 
_refine_ls_shell.pdbx_refine_id                   'ELECTRON CRYSTALLOGRAPHY' 
_refine_ls_shell.d_res_high                       1.10 
_refine_ls_shell.d_res_low                        1.23 
_refine_ls_shell.number_reflns_all                543 
_refine_ls_shell.number_reflns_obs                ? 
_refine_ls_shell.number_reflns_R_free             54 
_refine_ls_shell.number_reflns_R_work             489 
_refine_ls_shell.percent_reflns_obs               81.11 
_refine_ls_shell.percent_reflns_R_free            9.94 
_refine_ls_shell.R_factor_all                     0.2117 
_refine_ls_shell.R_factor_obs                     ? 
_refine_ls_shell.R_factor_R_free                  0.2243 
_refine_ls_shell.R_factor_R_free_error            ? 
_refine_ls_shell.R_factor_R_work                  0.2104 
_refine_ls_shell.redundancy_reflns_all            ? 
_refine_ls_shell.redundancy_reflns_obs            ? 
_refine_ls_shell.wR_factor_all                    ? 
_refine_ls_shell.wR_factor_obs                    ? 
_refine_ls_shell.wR_factor_R_free                 ? 
_refine_ls_shell.wR_factor_R_work                 ? 
_refine_ls_shell.pdbx_total_number_of_bins_used   5 
_refine_ls_shell.pdbx_phase_error                 ? 
_refine_ls_shell.pdbx_fsc_work                    ? 
_refine_ls_shell.pdbx_fsc_free                    ? 
# 
_struct.entry_id                     5K7N 
_struct.title                        'MicroED structure of tau VQIVYK peptide at 1.1 A resolution' 
_struct.pdbx_model_details           ? 
_struct.pdbx_formula_weight          ? 
_struct.pdbx_formula_weight_method   ? 
_struct.pdbx_model_type_details      ? 
_struct.pdbx_CASP_flag               N 
# 
_struct_keywords.entry_id        5K7N 
_struct_keywords.text            'Amyloid, PROTEIN FIBRIL' 
_struct_keywords.pdbx_keywords   'PROTEIN FIBRIL' 
# 
loop_
_struct_asym.id 
_struct_asym.pdbx_blank_PDB_chainid_flag 
_struct_asym.pdbx_modified 
_struct_asym.entity_id 
_struct_asym.details 
A N N 1 ? 
B N N 2 ? 
# 
_struct_ref.id                         1 
_struct_ref.db_name                    PDB 
_struct_ref.db_code                    5K7N 
_struct_ref.pdbx_db_accession          5K7N 
_struct_ref.pdbx_db_isoform            ? 
_struct_ref.entity_id                  1 
_struct_ref.pdbx_seq_one_letter_code   ? 
_struct_ref.pdbx_align_begin           1 
# 
_struct_ref_seq.align_id                      1 
_struct_ref_seq.ref_id                        1 
_struct_ref_seq.pdbx_PDB_id_code              5K7N 
_struct_ref_seq.pdbx_strand_id                Z 
_struct_ref_seq.seq_align_beg                 1 
_struct_ref_seq.pdbx_seq_align_beg_ins_code   ? 
_struct_ref_seq.seq_align_end                 6 
_struct_ref_seq.pdbx_seq_align_end_ins_code   ? 
_struct_ref_seq.pdbx_db_accession             5K7N 
_struct_ref_seq.db_align_beg                  1 
_struct_ref_seq.pdbx_db_align_beg_ins_code    ? 
_struct_ref_seq.db_align_end                  6 
_struct_ref_seq.pdbx_db_align_end_ins_code    ? 
_struct_ref_seq.pdbx_auth_seq_align_beg       1 
_struct_ref_seq.pdbx_auth_seq_align_end       6 
# 
_pdbx_struct_assembly.id                   1 
_pdbx_struct_assembly.details              author_defined_assembly 
_pdbx_struct_assembly.method_details       ? 
_pdbx_struct_assembly.oligomeric_details   nonameric 
_pdbx_struct_assembly.oligomeric_count     9 
# 
loop_
_pdbx_struct_assembly_gen.assembly_id 
_pdbx_struct_assembly_gen.oper_expression 
_pdbx_struct_assembly_gen.asym_id_list 
1 1 A,B 
1 2 A,B 
1 3 A,B 
1 4 A,B 
1 5 A,B 
1 6 A,B 
1 7 A,B 
1 8 A,B 
1 9 A,B 
# 
loop_
_pdbx_struct_oper_list.id 
_pdbx_struct_oper_list.type 
_pdbx_struct_oper_list.name 
_pdbx_struct_oper_list.symmetry_operation 
_pdbx_struct_oper_list.matrix[1][1] 
_pdbx_struct_oper_list.matrix[1][2] 
_pdbx_struct_oper_list.matrix[1][3] 
_pdbx_struct_oper_list.vector[1] 
_pdbx_struct_oper_list.matrix[2][1] 
_pdbx_struct_oper_list.matrix[2][2] 
_pdbx_struct_oper_list.matrix[2][3] 
_pdbx_struct_oper_list.vector[2] 
_pdbx_struct_oper_list.matrix[3][1] 
_pdbx_struct_oper_list.matrix[3][2] 
_pdbx_struct_oper_list.matrix[3][3] 
_pdbx_struct_oper_list.vector[3] 
1 'identity operation'         1_555 x,y,z   1.0000000000 0.0000000000 0.0000000000 0.0000000000   0.0000000000 1.0000000000 0.0000000000 0.0000000000   0.0000000000 0.0000000000 1.0000000000 0.0000000000  
2 'crystal symmetry operation' 1_515 x,y-4,z 1.0000000000 0.0000000000 0.0000000000 11.8135927017  0.0000000000 1.0000000000 0.0000000000 -14.8886661016 0.0000000000 0.0000000000 1.0000000000 -6.0965768421 
3 'crystal symmetry operation' 1_525 x,y-3,z 1.0000000000 0.0000000000 0.0000000000 8.8601945263   0.0000000000 1.0000000000 0.0000000000 -11.1664995762 0.0000000000 0.0000000000 1.0000000000 -4.5724326316 
4 'crystal symmetry operation' 1_535 x,y-2,z 1.0000000000 0.0000000000 0.0000000000 5.9067963509   0.0000000000 1.0000000000 0.0000000000 -7.4443330508  0.0000000000 0.0000000000 1.0000000000 -3.0482884211 
5 'crystal symmetry operation' 1_545 x,y-1,z 1.0000000000 0.0000000000 0.0000000000 2.9533981754   0.0000000000 1.0000000000 0.0000000000 -3.7221665254  0.0000000000 0.0000000000 1.0000000000 -1.5241442105 
6 'crystal symmetry operation' 1_565 x,y+1,z 1.0000000000 0.0000000000 0.0000000000 -2.9533981754  0.0000000000 1.0000000000 0.0000000000 3.7221665254   0.0000000000 0.0000000000 1.0000000000 1.5241442105  
7 'crystal symmetry operation' 1_575 x,y+2,z 1.0000000000 0.0000000000 0.0000000000 -5.9067963509  0.0000000000 1.0000000000 0.0000000000 7.4443330508   0.0000000000 0.0000000000 1.0000000000 3.0482884211  
8 'crystal symmetry operation' 1_585 x,y+3,z 1.0000000000 0.0000000000 0.0000000000 -8.8601945263  0.0000000000 1.0000000000 0.0000000000 11.1664995762  0.0000000000 0.0000000000 1.0000000000 4.5724326316  
9 'crystal symmetry operation' 1_595 x,y+4,z 1.0000000000 0.0000000000 0.0000000000 -11.8135927017 0.0000000000 1.0000000000 0.0000000000 14.8886661016  0.0000000000 0.0000000000 1.0000000000 6.0965768421 
# 
_struct_biol.id        1 
_struct_biol.details   
;The biological unit is an extended pair of beta sheets comprising peptides at position X,Y,Z extended ad infinitum along the b crystal axis.
;
# 
_pdbx_struct_special_symmetry.id              1 
_pdbx_struct_special_symmetry.PDB_model_num   1 
_pdbx_struct_special_symmetry.auth_asym_id    Z 
_pdbx_struct_special_symmetry.auth_comp_id    HOH 
_pdbx_struct_special_symmetry.auth_seq_id     102 
_pdbx_struct_special_symmetry.PDB_ins_code    ? 
_pdbx_struct_special_symmetry.label_asym_id   B 
_pdbx_struct_special_symmetry.label_comp_id   HOH 
_pdbx_struct_special_symmetry.label_seq_id    . 
# 
_pdbx_refine_tls.pdbx_refine_id   'ELECTRON CRYSTALLOGRAPHY' 
_pdbx_refine_tls.id               1 
_pdbx_refine_tls.details          ? 
_pdbx_refine_tls.method           refined 
_pdbx_refine_tls.origin_x         0.0559 
_pdbx_refine_tls.origin_y         -0.0126 
_pdbx_refine_tls.origin_z         0.0846 
_pdbx_refine_tls.T[1][1]          0.0042 
_pdbx_refine_tls.T[2][2]          -0.0501 
_pdbx_refine_tls.T[3][3]          0.0472 
_pdbx_refine_tls.T[1][2]          0.0235 
_pdbx_refine_tls.T[1][3]          0.0752 
_pdbx_refine_tls.T[2][3]          0.0072 
_pdbx_refine_tls.L[1][1]          0.2080 
_pdbx_refine_tls.L[2][2]          0.7197 
_pdbx_refine_tls.L[3][3]          0.2099 
_pdbx_refine_tls.L[1][2]          0.0468 
_pdbx_refine_tls.L[1][3]          -0.0882 
_pdbx_refine_tls.L[2][3]          0.3992 
_pdbx_refine_tls.S[1][1]          0.0167 
_pdbx_refine_tls.S[1][2]          0.0138 
_pdbx_refine_tls.S[1][3]          -0.0009 
_pdbx_refine_tls.S[2][1]          -0.0370 
_pdbx_refine_tls.S[2][2]          -0.0265 
_pdbx_refine_tls.S[2][3]          0.0081 
_pdbx_refine_tls.S[3][1]          0.0114 
_pdbx_refine_tls.S[3][2]          0.0103 
_pdbx_refine_tls.S[3][3]          0.0098 
# 
_pdbx_refine_tls_group.pdbx_refine_id      'ELECTRON CRYSTALLOGRAPHY' 
_pdbx_refine_tls_group.id                  1 
_pdbx_refine_tls_group.refine_tls_id       1 
_pdbx_refine_tls_group.beg_auth_asym_id    ? 
_pdbx_refine_tls_group.beg_auth_seq_id     ? 
_pdbx_refine_tls_group.beg_label_asym_id   ? 
_pdbx_refine_tls_group.beg_label_seq_id    ? 
_pdbx_refine_tls_group.end_auth_asym_id    ? 
_pdbx_refine_tls_group.end_auth_seq_id     ? 
_pdbx_refine_tls_group.end_label_asym_id   ? 
_pdbx_refine_tls_group.end_label_seq_id    ? 
_pdbx_refine_tls_group.selection           ? 
_pdbx_refine_tls_group.selection_details   '{ Z|* }' 
# 
_em_3d_fitting.entry_id          5K7N 
_em_3d_fitting.id                1 
_em_3d_fitting.details           ? 
_em_3d_fitting.overall_b_value   ? 
_em_3d_fitting.ref_protocol      'AB INITIO MODEL' 
_em_3d_fitting.ref_space         RECIPROCAL 
_em_3d_fitting.target_criteria   ? 
_em_3d_fitting.method            ? 
# 
_em_3d_reconstruction.entry_id                    5K7N 
_em_3d_reconstruction.id                          1 
_em_3d_reconstruction.algorithm                   ? 
_em_3d_reconstruction.details                     ? 
_em_3d_reconstruction.image_processing_id         1 
_em_3d_reconstruction.num_class_averages          ? 
_em_3d_reconstruction.num_particles               ? 
_em_3d_reconstruction.resolution                  1.10 
_em_3d_reconstruction.resolution_method           'DIFFRACTION PATTERN/LAYERLINES' 
_em_3d_reconstruction.symmetry_type               '3D CRYSTAL' 
_em_3d_reconstruction.method                      ? 
_em_3d_reconstruction.nominal_pixel_size          ? 
_em_3d_reconstruction.actual_pixel_size           ? 
_em_3d_reconstruction.magnification_calibration   ? 
_em_3d_reconstruction.citation_id                 ? 
_em_3d_reconstruction.euler_angles_details        ? 
# 
_em_buffer.id            1 
_em_buffer.details       ? 
_em_buffer.pH            8.5 
_em_buffer.specimen_id   1 
_em_buffer.name          ? 
# 
_em_entity_assembly.id                   1 
_em_entity_assembly.parent_id            0 
_em_entity_assembly.details              ? 
_em_entity_assembly.name                 VQIVYK 
_em_entity_assembly.source               'MULTIPLE SOURCES' 
_em_entity_assembly.type                 'ORGANELLE OR CELLULAR COMPONENT' 
_em_entity_assembly.entity_id_list       1 
_em_entity_assembly.synonym              ? 
_em_entity_assembly.oligomeric_details   ? 
# 
_em_image_scans.entry_id                5K7N 
_em_image_scans.id                      1 
_em_image_scans.dimension_height        2048 
_em_image_scans.dimension_width         2048 
_em_image_scans.frames_per_image        ? 
_em_image_scans.image_recording_id      1 
_em_image_scans.sampling_size           0.0311999992 
_em_image_scans.scanner_model           ? 
_em_image_scans.used_frames_per_image   ? 
_em_image_scans.number_digital_images   ? 
_em_image_scans.details                 ? 
_em_image_scans.od_range                ? 
_em_image_scans.quant_bit_size          ? 
_em_image_scans.citation_id             ? 
# 
_em_imaging.id                              1 
_em_imaging.entry_id                        5K7N 
_em_imaging.accelerating_voltage            200 
_em_imaging.alignment_procedure             ? 
_em_imaging.c2_aperture_diameter            ? 
_em_imaging.calibrated_defocus_max          ? 
_em_imaging.calibrated_defocus_min          ? 
_em_imaging.calibrated_magnification        ? 
_em_imaging.cryogen                         NITROGEN 
_em_imaging.details                         ? 
_em_imaging.electron_source                 'FIELD EMISSION GUN' 
_em_imaging.illumination_mode               'FLOOD BEAM' 
_em_imaging.microscope_model                'FEI TECNAI F20' 
_em_imaging.mode                            DIFFRACTION 
_em_imaging.nominal_cs                      ? 
_em_imaging.nominal_defocus_max             ? 
_em_imaging.nominal_defocus_min             ? 
_em_imaging.nominal_magnification           ? 
_em_imaging.recording_temperature_maximum   ? 
_em_imaging.recording_temperature_minimum   ? 
_em_imaging.residual_tilt                   ? 
_em_imaging.specimen_holder_model           ? 
_em_imaging.specimen_id                     1 
_em_imaging.date                            2016-04-26 
_em_imaging.temperature                     ? 
_em_imaging.tilt_angle_min                  ? 
_em_imaging.tilt_angle_max                  ? 
_em_imaging.specimen_holder_type            ? 
_em_imaging.astigmatism                     ? 
_em_imaging.electron_beam_tilt_params       ? 
_em_imaging.citation_id                     ? 
_em_imaging.detector_distance               ? 
# 
_em_vitrification.id                    1 
_em_vitrification.specimen_id           1 
_em_vitrification.chamber_temperature   ? 
_em_vitrification.cryogen_name          ETHANE 
_em_vitrification.details               ? 
_em_vitrification.humidity              ? 
_em_vitrification.instrument            ? 
_em_vitrification.entry_id              5K7N 
_em_vitrification.temp                  ? 
_em_vitrification.method                ? 
_em_vitrification.time_resolved_state   ? 
_em_vitrification.citation_id           ? 
# 
_em_experiment.entry_id                5K7N 
_em_experiment.id                      1 
_em_experiment.aggregation_state       '3D ARRAY' 
_em_experiment.reconstruction_method   CRYSTALLOGRAPHY 
_em_experiment.entity_assembly_id      1 
# 
loop_
_chem_comp_atom.comp_id 
_chem_comp_atom.atom_id 
_chem_comp_atom.type_symbol 
_chem_comp_atom.pdbx_aromatic_flag 
_chem_comp_atom.pdbx_stereo_config 
_chem_comp_atom.pdbx_ordinal 
GLN N    N N N 1   
GLN CA   C N S 2   
GLN C    C N N 3   
GLN O    O N N 4   
GLN CB   C N N 5   
GLN CG   C N N 6   
GLN CD   C N N 7   
GLN OE1  O N N 8   
GLN NE2  N N N 9   
GLN OXT  O N N 10  
GLN H    H N N 11  
GLN H2   H N N 12  
GLN HA   H N N 13  
GLN HB2  H N N 14  
GLN HB3  H N N 15  
GLN HG2  H N N 16  
GLN HG3  H N N 17  
GLN HE21 H N N 18  
GLN HE22 H N N 19  
GLN HXT  H N N 20  
HOH O    O N N 21  
HOH H1   H N N 22  
HOH H2   H N N 23  
ILE N    N N N 24  
ILE CA   C N S 25  
ILE C    C N N 26  
ILE O    O N N 27  
ILE CB   C N S 28  
ILE CG1  C N N 29  
ILE CG2  C N N 30  
ILE CD1  C N N 31  
ILE OXT  O N N 32  
ILE H    H N N 33  
ILE H2   H N N 34  
ILE HA   H N N 35  
ILE HB   H N N 36  
ILE HG12 H N N 37  
ILE HG13 H N N 38  
ILE HG21 H N N 39  
ILE HG22 H N N 40  
ILE HG23 H N N 41  
ILE HD11 H N N 42  
ILE HD12 H N N 43  
ILE HD13 H N N 44  
ILE HXT  H N N 45  
LYS N    N N N 46  
LYS CA   C N S 47  
LYS C    C N N 48  
LYS O    O N N 49  
LYS CB   C N N 50  
LYS CG   C N N 51  
LYS CD   C N N 52  
LYS CE   C N N 53  
LYS NZ   N N N 54  
LYS OXT  O N N 55  
LYS H    H N N 56  
LYS H2   H N N 57  
LYS HA   H N N 58  
LYS HB2  H N N 59  
LYS HB3  H N N 60  
LYS HG2  H N N 61  
LYS HG3  H N N 62  
LYS HD2  H N N 63  
LYS HD3  H N N 64  
LYS HE2  H N N 65  
LYS HE3  H N N 66  
LYS HZ1  H N N 67  
LYS HZ2  H N N 68  
LYS HZ3  H N N 69  
LYS HXT  H N N 70  
TYR N    N N N 71  
TYR CA   C N S 72  
TYR C    C N N 73  
TYR O    O N N 74  
TYR CB   C N N 75  
TYR CG   C Y N 76  
TYR CD1  C Y N 77  
TYR CD2  C Y N 78  
TYR CE1  C Y N 79  
TYR CE2  C Y N 80  
TYR CZ   C Y N 81  
TYR OH   O N N 82  
TYR OXT  O N N 83  
TYR H    H N N 84  
TYR H2   H N N 85  
TYR HA   H N N 86  
TYR HB2  H N N 87  
TYR HB3  H N N 88  
TYR HD1  H N N 89  
TYR HD2  H N N 90  
TYR HE1  H N N 91  
TYR HE2  H N N 92  
TYR HH   H N N 93  
TYR HXT  H N N 94  
VAL N    N N N 95  
VAL CA   C N S 96  
VAL C    C N N 97  
VAL O    O N N 98  
VAL CB   C N N 99  
VAL CG1  C N N 100 
VAL CG2  C N N 101 
VAL OXT  O N N 102 
VAL H    H N N 103 
VAL H2   H N N 104 
VAL HA   H N N 105 
VAL HB   H N N 106 
VAL HG11 H N N 107 
VAL HG12 H N N 108 
VAL HG13 H N N 109 
VAL HG21 H N N 110 
VAL HG22 H N N 111 
VAL HG23 H N N 112 
VAL HXT  H N N 113 
# 
loop_
_chem_comp_bond.comp_id 
_chem_comp_bond.atom_id_1 
_chem_comp_bond.atom_id_2 
_chem_comp_bond.value_order 
_chem_comp_bond.pdbx_aromatic_flag 
_chem_comp_bond.pdbx_stereo_config 
_chem_comp_bond.pdbx_ordinal 
GLN N   CA   sing N N 1   
GLN N   H    sing N N 2   
GLN N   H2   sing N N 3   
GLN CA  C    sing N N 4   
GLN CA  CB   sing N N 5   
GLN CA  HA   sing N N 6   
GLN C   O    doub N N 7   
GLN C   OXT  sing N N 8   
GLN CB  CG   sing N N 9   
GLN CB  HB2  sing N N 10  
GLN CB  HB3  sing N N 11  
GLN CG  CD   sing N N 12  
GLN CG  HG2  sing N N 13  
GLN CG  HG3  sing N N 14  
GLN CD  OE1  doub N N 15  
GLN CD  NE2  sing N N 16  
GLN NE2 HE21 sing N N 17  
GLN NE2 HE22 sing N N 18  
GLN OXT HXT  sing N N 19  
HOH O   H1   sing N N 20  
HOH O   H2   sing N N 21  
ILE N   CA   sing N N 22  
ILE N   H    sing N N 23  
ILE N   H2   sing N N 24  
ILE CA  C    sing N N 25  
ILE CA  CB   sing N N 26  
ILE CA  HA   sing N N 27  
ILE C   O    doub N N 28  
ILE C   OXT  sing N N 29  
ILE CB  CG1  sing N N 30  
ILE CB  CG2  sing N N 31  
ILE CB  HB   sing N N 32  
ILE CG1 CD1  sing N N 33  
ILE CG1 HG12 sing N N 34  
ILE CG1 HG13 sing N N 35  
ILE CG2 HG21 sing N N 36  
ILE CG2 HG22 sing N N 37  
ILE CG2 HG23 sing N N 38  
ILE CD1 HD11 sing N N 39  
ILE CD1 HD12 sing N N 40  
ILE CD1 HD13 sing N N 41  
ILE OXT HXT  sing N N 42  
LYS N   CA   sing N N 43  
LYS N   H    sing N N 44  
LYS N   H2   sing N N 45  
LYS CA  C    sing N N 46  
LYS CA  CB   sing N N 47  
LYS CA  HA   sing N N 48  
LYS C   O    doub N N 49  
LYS C   OXT  sing N N 50  
LYS CB  CG   sing N N 51  
LYS CB  HB2  sing N N 52  
LYS CB  HB3  sing N N 53  
LYS CG  CD   sing N N 54  
LYS CG  HG2  sing N N 55  
LYS CG  HG3  sing N N 56  
LYS CD  CE   sing N N 57  
LYS CD  HD2  sing N N 58  
LYS CD  HD3  sing N N 59  
LYS CE  NZ   sing N N 60  
LYS CE  HE2  sing N N 61  
LYS CE  HE3  sing N N 62  
LYS NZ  HZ1  sing N N 63  
LYS NZ  HZ2  sing N N 64  
LYS NZ  HZ3  sing N N 65  
LYS OXT HXT  sing N N 66  
TYR N   CA   sing N N 67  
TYR N   H    sing N N 68  
TYR N   H2   sing N N 69  
TYR CA  C    sing N N 70  
TYR CA  CB   sing N N 71  
TYR CA  HA   sing N N 72  
TYR C   O    doub N N 73  
TYR C   OXT  sing N N 74  
TYR CB  CG   sing N N 75  
TYR CB  HB2  sing N N 76  
TYR CB  HB3  sing N N 77  
TYR CG  CD1  doub Y N 78  
TYR CG  CD2  sing Y N 79  
TYR CD1 CE1  sing Y N 80  
TYR CD1 HD1  sing N N 81  
TYR CD2 CE2  doub Y N 82  
TYR CD2 HD2  sing N N 83  
TYR CE1 CZ   doub Y N 84  
TYR CE1 HE1  sing N N 85  
TYR CE2 CZ   sing Y N 86  
TYR CE2 HE2  sing N N 87  
TYR CZ  OH   sing N N 88  
TYR OH  HH   sing N N 89  
TYR OXT HXT  sing N N 90  
VAL N   CA   sing N N 91  
VAL N   H    sing N N 92  
VAL N   H2   sing N N 93  
VAL CA  C    sing N N 94  
VAL CA  CB   sing N N 95  
VAL CA  HA   sing N N 96  
VAL C   O    doub N N 97  
VAL C   OXT  sing N N 98  
VAL CB  CG1  sing N N 99  
VAL CB  CG2  sing N N 100 
VAL CB  HB   sing N N 101 
VAL CG1 HG11 sing N N 102 
VAL CG1 HG12 sing N N 103 
VAL CG1 HG13 sing N N 104 
VAL CG2 HG21 sing N N 105 
VAL CG2 HG22 sing N N 106 
VAL CG2 HG23 sing N N 107 
VAL OXT HXT  sing N N 108 
# 
_em_3d_crystal_entity.id                    1 
_em_3d_crystal_entity.image_processing_id   1 
_em_3d_crystal_entity.angle_alpha           90 
_em_3d_crystal_entity.angle_beta            111.55 
_em_3d_crystal_entity.angle_gamma           90 
_em_3d_crystal_entity.length_a              29.42 
_em_3d_crystal_entity.length_b              4.99 
_em_3d_crystal_entity.length_c              37.17 
_em_3d_crystal_entity.space_group_name      'C 1 2 1' 
_em_3d_crystal_entity.space_group_num       5 
# 
loop_
_em_buffer_component.buffer_id 
_em_buffer_component.id 
_em_buffer_component.concentration 
_em_buffer_component.concentration_units 
_em_buffer_component.formula 
_em_buffer_component.name 
1 1 22.5 % ? 'ethylene glycol' 
1 2 ?    ? ? Tris              
# 
_em_ctf_correction.id                       1 
_em_ctf_correction.em_image_processing_id   1 
_em_ctf_correction.type                     NONE 
_em_ctf_correction.details                  ? 
# 
_em_diffraction.id                1 
_em_diffraction.camera_length     730 
_em_diffraction.imaging_id        1 
_em_diffraction.tilt_angle_list   ? 
# 
_em_diffraction_shell.id                        1 
_em_diffraction_shell.em_diffraction_stats_id   1 
_em_diffraction_shell.fourier_space_coverage    79.4 
_em_diffraction_shell.high_resolution           1.10 
_em_diffraction_shell.low_resolution            1.23 
_em_diffraction_shell.multiplicity              1.8 
_em_diffraction_shell.num_structure_factors     255 
_em_diffraction_shell.phase_residual            47.6 
# 
_em_diffraction_stats.id                               1 
_em_diffraction_stats.details                          ? 
_em_diffraction_stats.image_processing_id              1 
_em_diffraction_stats.fourier_space_coverage           83.0 
_em_diffraction_stats.high_resolution                  1.10 
_em_diffraction_stats.num_intensities_measured         6185 
_em_diffraction_stats.num_structure_factors            3319 
_em_diffraction_stats.overall_phase_error              0 
_em_diffraction_stats.overall_phase_residual           39.4 
_em_diffraction_stats.phase_error_rejection_criteria   0 
_em_diffraction_stats.r_merge                          12.9 
_em_diffraction_stats.r_sym                            12.9 
# 
_em_entity_assembly_molwt.entity_assembly_id   1 
_em_entity_assembly_molwt.id                   1 
_em_entity_assembly_molwt.experimental_flag    NO 
_em_entity_assembly_molwt.units                MEGADALTONS 
_em_entity_assembly_molwt.value                0.000747 
# 
_em_entity_assembly_naturalsource.id                   1 
_em_entity_assembly_naturalsource.entity_assembly_id   1 
_em_entity_assembly_naturalsource.cell                 ? 
_em_entity_assembly_naturalsource.cellular_location    ? 
_em_entity_assembly_naturalsource.ncbi_tax_id          9606 
_em_entity_assembly_naturalsource.organ                . 
_em_entity_assembly_naturalsource.organelle            ? 
_em_entity_assembly_naturalsource.organism             'Homo sapiens' 
_em_entity_assembly_naturalsource.strain               ? 
_em_entity_assembly_naturalsource.tissue               ? 
# 
_em_image_processing.id                   1 
_em_image_processing.image_recording_id   1 
_em_image_processing.details              ? 
# 
_em_image_recording.id                            1 
_em_image_recording.imaging_id                    1 
_em_image_recording.avg_electron_dose_per_image   0.002 
_em_image_recording.average_exposure_time         2.1 
_em_image_recording.details                       ? 
_em_image_recording.detector_mode                 ? 
_em_image_recording.film_or_detector_model        'TVIPS TEMCAM-F416 (4k x 4k)' 
_em_image_recording.num_diffraction_images        299 
_em_image_recording.num_grids_imaged              1 
_em_image_recording.num_real_images               299 
# 
loop_
_em_software.id 
_em_software.category 
_em_software.details 
_em_software.name 
_em_software.version 
_em_software.image_processing_id 
_em_software.fitting_id 
_em_software.imaging_id 
1  'IMAGE ACQUISITION'             ?       EM-Menu 4.0.9.75      ? ? 1 
2  MASKING                         ?       ?       ?             ? ? ? 
3  'CTF CORRECTION'                ?       ?       ?             1 ? ? 
4  'LAYERLINE INDEXING'            ?       ?       ?             ? ? ? 
5  'DIFFRACTION INDEXING'          ?       XDS     'May 1, 2016' ? ? ? 
6  'MODEL FITTING'                 ?       ?       ?             ? 1 ? 
7  OTHER                           phasing SHELXT  2014/5        ? ? ? 
8  'MOLECULAR REPLACEMENT'         ?       ?       ?             1 ? ? 
9  'LATTICE DISTORTION CORRECTION' ?       ?       ?             1 ? ? 
10 'SYMMETRY DETERMINATION'        ?       ?       ?             1 ? ? 
11 'CRYSTALLOGRAPHY MERGING'       ?       XDS     'May 1, 2016' 1 ? ? 
12 RECONSTRUCTION                  ?       ?       ?             1 ? ? 
13 'MODEL REFINEMENT'              ?       BUSTER  2.10.0        ? 1 ? 
# 
_em_specimen.id                      1 
_em_specimen.experiment_id           1 
_em_specimen.concentration           ? 
_em_specimen.details                 ? 
_em_specimen.embedding_applied       NO 
_em_specimen.shadowing_applied       NO 
_em_specimen.staining_applied        NO 
_em_specimen.vitrification_applied   YES 
# 
_pdbx_audit_support.funding_organization   'National Institutes of Health/National Institute on Aging (NIH/NIA)' 
_pdbx_audit_support.country                'United States' 
_pdbx_audit_support.grant_number           1R01-AG029430 
_pdbx_audit_support.ordinal                1 
# 
_pdbx_related_exp_data_set.data_reference       10.15785/SBGRID/284 
_pdbx_related_exp_data_set.data_set_type        'diffraction image data' 
_pdbx_related_exp_data_set.details              'SB Data Grid' 
_pdbx_related_exp_data_set.metadata_reference   ? 
_pdbx_related_exp_data_set.ordinal              1 
# 
_atom_sites.entry_id                    5K7N 
_atom_sites.fract_transf_matrix[1][1]   0.02940520 
_atom_sites.fract_transf_matrix[1][2]   0.01916675 
_atom_sites.fract_transf_matrix[1][3]   0.01017188 
_atom_sites.fract_transf_matrix[2][1]   -0.11861001 
_atom_sites.fract_transf_matrix[2][2]   0.14948415 
_atom_sites.fract_transf_matrix[2][3]   0.06121043 
_atom_sites.fract_transf_matrix[3][1]   0.00727286 
_atom_sites.fract_transf_matrix[3][2]   -0.00547180 
_atom_sites.fract_transf_matrix[3][3]   0.02745579 
_atom_sites.fract_transf_vector[1]      0.481366 
_atom_sites.fract_transf_vector[2]      0.395324 
_atom_sites.fract_transf_vector[3]      0.245270 
# 
loop_
_atom_type.symbol 
C 
H 
N 
O 
# 
loop_
_atom_site.group_PDB 
_atom_site.id 
_atom_site.type_symbol 
_atom_site.label_atom_id 
_atom_site.label_alt_id 
_atom_site.label_comp_id 
_atom_site.label_asym_id 
_atom_site.label_entity_id 
_atom_site.label_seq_id 
_atom_site.pdbx_PDB_ins_code 
_atom_site.Cartn_x 
_atom_site.Cartn_y 
_atom_site.Cartn_z 
_atom_site.occupancy 
_atom_site.B_iso_or_equiv 
_atom_site.pdbx_formal_charge 
_atom_site.auth_seq_id 
_atom_site.auth_comp_id 
_atom_site.auth_asym_id 
_atom_site.auth_atom_id 
_atom_site.pdbx_PDB_model_num 
ATOM   1   N N    . VAL A 1 1 ? -7.689 -3.469 -4.770 1.00 13.89 ? 1   VAL Z N    1 
ATOM   2   C CA   . VAL A 1 1 ? -6.286 -3.066 -4.902 1.00 12.12 ? 1   VAL Z CA   1 
ATOM   3   C C    . VAL A 1 1 ? -5.809 -2.425 -3.585 1.00 11.48 ? 1   VAL Z C    1 
ATOM   4   O O    . VAL A 1 1 ? -6.462 -1.495 -3.104 1.00 12.14 ? 1   VAL Z O    1 
ATOM   5   C CB   . VAL A 1 1 ? -6.080 -2.113 -6.117 1.00 16.76 ? 1   VAL Z CB   1 
ATOM   6   C CG1  . VAL A 1 1 ? -4.634 -1.615 -6.201 1.00 17.06 ? 1   VAL Z CG1  1 
ATOM   7   C CG2  . VAL A 1 1 ? -6.486 -2.798 -7.424 1.00 16.90 ? 1   VAL Z CG2  1 
ATOM   8   H H1   . VAL A 1 1 ? -8.307 -4.520 -5.846 1.00 24.28 ? 1   VAL Z H1   1 
ATOM   9   H H2   . VAL A 1 1 ? -8.166 -4.287 -3.419 1.00 13.69 ? 1   VAL Z H2   1 
ATOM   10  H H3   . VAL A 1 1 ? -8.771 -2.379 -4.794 1.00 43.50 ? 1   VAL Z H3   1 
ATOM   11  H HA   . VAL A 1 1 ? -5.698 -3.962 -5.087 1.00 12.50 ? 1   VAL Z HA   1 
ATOM   12  H HB   . VAL A 1 1 ? -6.723 -1.242 -5.992 1.00 17.32 ? 1   VAL Z HB   1 
ATOM   13  H HG11 . VAL A 1 1 ? -4.484 -1.096 -7.147 1.00 17.22 ? 1   VAL Z HG11 1 
ATOM   14  H HG12 . VAL A 1 1 ? -4.435 -0.922 -5.383 1.00 16.87 ? 1   VAL Z HG12 1 
ATOM   15  H HG13 . VAL A 1 1 ? -3.963 -2.469 -6.137 1.00 17.20 ? 1   VAL Z HG13 1 
ATOM   16  H HG21 . VAL A 1 1 ? -6.211 -2.162 -8.265 1.00 17.23 ? 1   VAL Z HG21 1 
ATOM   17  H HG22 . VAL A 1 1 ? -5.969 -3.753 -7.497 1.00 17.02 ? 1   VAL Z HG22 1 
ATOM   18  H HG23 . VAL A 1 1 ? -7.563 -2.957 -7.431 1.00 16.90 ? 1   VAL Z HG23 1 
ATOM   19  N N    . GLN A 1 2 ? -4.702 -2.933 -2.995 1.00 8.73  ? 2   GLN Z N    1 
ATOM   20  C CA   . GLN A 1 2 ? -4.130 -2.392 -1.754 1.00 7.87  ? 2   GLN Z CA   1 
ATOM   21  C C    . GLN A 1 2 ? -2.670 -1.954 -2.005 1.00 9.06  ? 2   GLN Z C    1 
ATOM   22  O O    . GLN A 1 2 ? -1.855 -2.788 -2.420 1.00 7.96  ? 2   GLN Z O    1 
ATOM   23  C CB   . GLN A 1 2 ? -4.157 -3.432 -0.613 1.00 8.52  ? 2   GLN Z CB   1 
ATOM   24  C CG   . GLN A 1 2 ? -3.794 -2.834 0.763  1.00 10.65 ? 2   GLN Z CG   1 
ATOM   25  C CD   . GLN A 1 2 ? -3.659 -3.872 1.863  1.00 11.02 ? 2   GLN Z CD   1 
ATOM   26  O OE1  . GLN A 1 2 ? -2.896 -4.840 1.742  1.00 11.14 ? 2   GLN Z OE1  1 
ATOM   27  N NE2  . GLN A 1 2 ? -4.321 -3.646 3.002  1.00 11.45 ? 2   GLN Z NE2  1 
ATOM   28  H H    . GLN A 1 2 ? -4.175 -3.719 -3.364 1.00 9.61  ? 2   GLN Z H    1 
ATOM   29  H HA   . GLN A 1 2 ? -4.700 -1.532 -1.408 1.00 9.13  ? 2   GLN Z HA   1 
ATOM   30  H HB2  . GLN A 1 2 ? -5.159 -3.857 -0.544 1.00 9.86  ? 2   GLN Z HB2  1 
ATOM   31  H HB3  . GLN A 1 2 ? -3.435 -4.215 -0.838 1.00 8.51  ? 2   GLN Z HB3  1 
ATOM   32  H HG2  . GLN A 1 2 ? -2.834 -2.326 0.690  1.00 12.05 ? 2   GLN Z HG2  1 
ATOM   33  H HG3  . GLN A 1 2 ? -4.564 -2.116 1.044  1.00 11.24 ? 2   GLN Z HG3  1 
ATOM   34  H HE21 . GLN A 1 2 ? -4.886 -2.812 3.120  1.00 11.08 ? 2   GLN Z HE21 1 
ATOM   35  H HE22 . GLN A 1 2 ? -4.257 -4.316 3.760  1.00 11.71 ? 2   GLN Z HE22 1 
ATOM   36  N N    . ILE A 1 3 ? -2.344 -0.656 -1.717 1.00 7.73  ? 3   ILE Z N    1 
ATOM   37  C CA   . ILE A 1 3 ? -0.981 -0.095 -1.846 1.00 7.75  ? 3   ILE Z CA   1 
ATOM   38  C C    . ILE A 1 3 ? -0.591 0.542  -0.487 1.00 8.58  ? 3   ILE Z C    1 
ATOM   39  O O    . ILE A 1 3 ? -1.296 1.442  -0.024 1.00 9.39  ? 3   ILE Z O    1 
ATOM   40  C CB   . ILE A 1 3 ? -0.857 0.915  -3.030 1.00 11.31 ? 3   ILE Z CB   1 
ATOM   41  C CG1  . ILE A 1 3 ? -1.379 0.287  -4.348 1.00 13.11 ? 3   ILE Z CG1  1 
ATOM   42  C CG2  . ILE A 1 3 ? 0.612  1.379  -3.194 1.00 13.64 ? 3   ILE Z CG2  1 
ATOM   43  C CD1  . ILE A 1 3 ? -1.373 1.190  -5.570 1.00 22.94 ? 3   ILE Z CD1  1 
ATOM   44  H H    . ILE A 1 3 ? -3.019 0.030  -1.396 1.00 7.67  ? 3   ILE Z H    1 
ATOM   45  H HA   . ILE A 1 3 ? -0.279 -0.900 -2.053 1.00 7.81  ? 3   ILE Z HA   1 
ATOM   46  H HB   . ILE A 1 3 ? -1.470 1.785  -2.801 1.00 11.59 ? 3   ILE Z HB   1 
ATOM   47  H HG12 . ILE A 1 3 ? -0.763 -0.579 -4.585 1.00 12.81 ? 3   ILE Z HG12 1 
ATOM   48  H HG13 . ILE A 1 3 ? -2.412 -0.029 -4.208 1.00 14.08 ? 3   ILE Z HG13 1 
ATOM   49  H HG21 . ILE A 1 3 ? 0.693  2.074  -4.028 1.00 14.34 ? 3   ILE Z HG21 1 
ATOM   50  H HG22 . ILE A 1 3 ? 0.941  1.887  -2.288 1.00 13.87 ? 3   ILE Z HG22 1 
ATOM   51  H HG23 . ILE A 1 3 ? 1.237  0.507  -3.374 1.00 13.94 ? 3   ILE Z HG23 1 
ATOM   52  H HD11 . ILE A 1 3 ? -1.980 0.727  -6.347 1.00 22.93 ? 3   ILE Z HD11 1 
ATOM   53  H HD12 . ILE A 1 3 ? -1.782 2.162  -5.300 1.00 23.06 ? 3   ILE Z HD12 1 
ATOM   54  H HD13 . ILE A 1 3 ? -0.350 1.299  -5.928 1.00 23.05 ? 3   ILE Z HD13 1 
ATOM   55  N N    . VAL A 1 4 ? 0.503  0.044  0.166  1.00 7.73  ? 4   VAL Z N    1 
ATOM   56  C CA   . VAL A 1 4 ? 0.948  0.546  1.480  1.00 8.26  ? 4   VAL Z CA   1 
ATOM   57  C C    . VAL A 1 4 ? 2.428  0.955  1.434  1.00 10.54 ? 4   VAL Z C    1 
ATOM   58  O O    . VAL A 1 4 ? 3.271  0.153  1.021  1.00 9.51  ? 4   VAL Z O    1 
ATOM   59  C CB   . VAL A 1 4 ? 0.692  -0.473 2.628  1.00 12.13 ? 4   VAL Z CB   1 
ATOM   60  C CG1  . VAL A 1 4 ? 1.062  0.123  3.992  1.00 12.47 ? 4   VAL Z CG1  1 
ATOM   61  C CG2  . VAL A 1 4 ? -0.760 -0.955 2.625  1.00 12.51 ? 4   VAL Z CG2  1 
ATOM   62  H H    . VAL A 1 4 ? 1.088  -0.704 -0.195 1.00 9.28  ? 4   VAL Z H    1 
ATOM   63  H HA   . VAL A 1 4 ? 0.374  1.436  1.734  1.00 9.86  ? 4   VAL Z HA   1 
ATOM   64  H HB   . VAL A 1 4 ? 1.332  -1.339 2.465  1.00 12.50 ? 4   VAL Z HB   1 
ATOM   65  H HG11 . VAL A 1 4 ? 0.731  -0.551 4.781  1.00 12.72 ? 4   VAL Z HG11 1 
ATOM   66  H HG12 . VAL A 1 4 ? 2.141  0.246  4.061  1.00 12.82 ? 4   VAL Z HG12 1 
ATOM   67  H HG13 . VAL A 1 4 ? 0.572  1.089  4.103  1.00 12.65 ? 4   VAL Z HG13 1 
ATOM   68  H HG21 . VAL A 1 4 ? -0.942 -1.547 3.522  1.00 13.08 ? 4   VAL Z HG21 1 
ATOM   69  H HG22 . VAL A 1 4 ? -1.422 -0.091 2.606  1.00 12.56 ? 4   VAL Z HG22 1 
ATOM   70  H HG23 . VAL A 1 4 ? -0.919 -1.572 1.744  1.00 11.87 ? 4   VAL Z HG23 1 
ATOM   71  N N    . TYR A 1 5 ? 2.733  2.193  1.899  1.00 8.10  ? 5   TYR Z N    1 
ATOM   72  C CA   . TYR A 1 5 ? 4.090  2.751  1.955  1.00 8.65  ? 5   TYR Z CA   1 
ATOM   73  C C    . TYR A 1 5 ? 4.581  2.854  3.413  1.00 12.30 ? 5   TYR Z C    1 
ATOM   74  O O    . TYR A 1 5 ? 3.909  3.494  4.234  1.00 11.92 ? 5   TYR Z O    1 
ATOM   75  C CB   . TYR A 1 5 ? 4.126  4.155  1.325  1.00 9.73  ? 5   TYR Z CB   1 
ATOM   76  C CG   . TYR A 1 5 ? 3.761  4.215  -0.141 1.00 11.12 ? 5   TYR Z CG   1 
ATOM   77  C CD1  . TYR A 1 5 ? 4.732  4.073  -1.125 1.00 13.61 ? 5   TYR Z CD1  1 
ATOM   78  C CD2  . TYR A 1 5 ? 2.465  4.515  -0.545 1.00 12.33 ? 5   TYR Z CD2  1 
ATOM   79  C CE1  . TYR A 1 5 ? 4.413  4.172  -2.478 1.00 13.36 ? 5   TYR Z CE1  1 
ATOM   80  C CE2  . TYR A 1 5 ? 2.131  4.603  -1.894 1.00 13.22 ? 5   TYR Z CE2  1 
ATOM   81  C CZ   . TYR A 1 5 ? 3.111  4.446  -2.860 1.00 19.00 ? 5   TYR Z CZ   1 
ATOM   82  O OH   . TYR A 1 5 ? 2.808  4.539  -4.199 1.00 18.67 ? 5   TYR Z OH   1 
ATOM   83  H H    . TYR A 1 5 ? 2.041  2.850  2.248  1.00 8.25  ? 5   TYR Z H    1 
ATOM   84  H HA   . TYR A 1 5 ? 4.778  2.118  1.398  1.00 8.85  ? 5   TYR Z HA   1 
ATOM   85  H HB2  . TYR A 1 5 ? 3.451  4.811  1.869  1.00 10.39 ? 5   TYR Z HB2  1 
ATOM   86  H HB3  . TYR A 1 5 ? 5.144  4.526  1.420  1.00 10.22 ? 5   TYR Z HB3  1 
ATOM   87  H HD1  . TYR A 1 5 ? 5.760  3.865  -0.833 1.00 13.75 ? 5   TYR Z HD1  1 
ATOM   88  H HD2  . TYR A 1 5 ? 1.687  4.638  0.207  1.00 12.00 ? 5   TYR Z HD2  1 
ATOM   89  H HE1  . TYR A 1 5 ? 5.187  4.034  -3.232 1.00 13.75 ? 5   TYR Z HE1  1 
ATOM   90  H HE2  . TYR A 1 5 ? 1.101  4.816  -2.180 1.00 12.40 ? 5   TYR Z HE2  1 
ATOM   91  H HH   . TYR A 1 5 ? 1.863  4.809  -4.343 1.00 18.25 ? 5   TYR Z HH   1 
ATOM   92  N N    . LYS A 1 6 ? 5.754  2.249  3.724  1.00 10.40 ? 6   LYS Z N    1 
ATOM   93  C CA   . LYS A 1 6 ? 6.359  2.257  5.067  1.00 11.88 ? 6   LYS Z CA   1 
ATOM   94  C C    . LYS A 1 6 ? 7.873  2.540  5.017  1.00 13.93 ? 6   LYS Z C    1 
ATOM   95  O O    . LYS A 1 6 ? 8.490  2.432  3.929  1.00 14.44 ? 6   LYS Z O    1 
ATOM   96  C CB   . LYS A 1 6 ? 6.129  0.911  5.792  1.00 14.34 ? 6   LYS Z CB   1 
ATOM   97  C CG   . LYS A 1 6 ? 4.698  0.390  5.781  1.00 14.98 ? 6   LYS Z CG   1 
ATOM   98  C CD   . LYS A 1 6 ? 4.530  -0.820 6.704  1.00 14.16 ? 6   LYS Z CD   1 
ATOM   99  C CE   . LYS A 1 6 ? 3.152  -1.430 6.627  1.00 16.71 ? 6   LYS Z CE   1 
ATOM   100 N NZ   . LYS A 1 6 ? 2.900  -2.363 7.760  1.00 18.25 ? 6   LYS Z NZ   1 
ATOM   101 O OXT  . LYS A 1 6 ? 8.450  2.830  6.085  1.00 22.63 ? 6   LYS Z OXT  1 
ATOM   102 H H    . LYS A 1 6 ? 6.318  1.741  3.050  1.00 10.15 ? 6   LYS Z H    1 
ATOM   103 H HA   . LYS A 1 6 ? 5.912  3.041  5.675  1.00 11.33 ? 6   LYS Z HA   1 
ATOM   104 H HB2  . LYS A 1 6 ? 6.761  0.152  5.332  1.00 14.30 ? 6   LYS Z HB2  1 
ATOM   105 H HB3  . LYS A 1 6 ? 6.416  1.036  6.835  1.00 14.59 ? 6   LYS Z HB3  1 
ATOM   106 H HG2  . LYS A 1 6 ? 4.030  1.178  6.128  1.00 14.96 ? 6   LYS Z HG2  1 
ATOM   107 H HG3  . LYS A 1 6 ? 4.431  0.087  4.770  1.00 15.39 ? 6   LYS Z HG3  1 
ATOM   108 H HD2  . LYS A 1 6 ? 5.251  -1.586 6.418  1.00 14.52 ? 6   LYS Z HD2  1 
ATOM   109 H HD3  . LYS A 1 6 ? 4.704  -0.512 7.734  1.00 14.52 ? 6   LYS Z HD3  1 
ATOM   110 H HE2  . LYS A 1 6 ? 2.406  -0.637 6.661  1.00 16.73 ? 6   LYS Z HE2  1 
ATOM   111 H HE3  . LYS A 1 6 ? 3.061  -1.992 5.699  1.00 16.45 ? 6   LYS Z HE3  1 
ATOM   112 H HZ1  . LYS A 1 6 ? 1.969  -2.759 7.681  1.00 18.12 ? 6   LYS Z HZ1  1 
ATOM   113 H HZ2  . LYS A 1 6 ? 3.583  -3.113 7.750  1.00 18.46 ? 6   LYS Z HZ2  1 
ATOM   114 H HZ3  . LYS A 1 6 ? 2.969  -1.865 8.642  1.00 18.19 ? 6   LYS Z HZ3  1 
HETATM 115 O O    . HOH B 2 . ? 11.171 3.079  4.351  1.00 19.90 ? 101 HOH Z O    1 
HETATM 116 O O    . HOH B 2 . ? -0.191 -3.321 8.692  0.50 14.63 ? 102 HOH Z O    1 
# 
loop_
_atom_site_anisotrop.id 
_atom_site_anisotrop.type_symbol 
_atom_site_anisotrop.pdbx_label_atom_id 
_atom_site_anisotrop.pdbx_label_alt_id 
_atom_site_anisotrop.pdbx_label_comp_id 
_atom_site_anisotrop.pdbx_label_asym_id 
_atom_site_anisotrop.pdbx_label_seq_id 
_atom_site_anisotrop.pdbx_PDB_ins_code 
_atom_site_anisotrop.U[1][1] 
_atom_site_anisotrop.U[2][2] 
_atom_site_anisotrop.U[3][3] 
_atom_site_anisotrop.U[1][2] 
_atom_site_anisotrop.U[1][3] 
_atom_site_anisotrop.U[2][3] 
_atom_site_anisotrop.pdbx_auth_seq_id 
_atom_site_anisotrop.pdbx_auth_comp_id 
_atom_site_anisotrop.pdbx_auth_asym_id 
_atom_site_anisotrop.pdbx_auth_atom_id 
1   N N    . VAL A 1 ? 0.1786 0.1216 0.2276 0.0283 0.0646 -0.0072 1 VAL Z N    
2   C CA   . VAL A 1 ? 0.1584 0.1000 0.2022 0.0284 0.0659 -0.0037 1 VAL Z CA   
3   C C    . VAL A 1 ? 0.1494 0.0919 0.1948 0.0268 0.0679 -0.0020 1 VAL Z C    
4   O O    . VAL A 1 ? 0.1566 0.0999 0.2048 0.0265 0.0671 -0.0029 1 VAL Z O    
5   C CB   . VAL A 1 ? 0.2198 0.1587 0.2584 0.0303 0.0636 -0.0026 1 VAL Z CB   
6   C CG1  . VAL A 1 ? 0.2257 0.1629 0.2597 0.0299 0.0657 0.0006  1 VAL Z CG1  
7   C CG2  . VAL A 1 ? 0.2230 0.1602 0.2587 0.0318 0.0615 -0.0042 1 VAL Z CG2  
8   H H1   . VAL A 1 ? 0.3102 0.2530 0.3593 0.0295 0.0630 -0.0099 1 VAL Z H1   
9   H H2   . VAL A 1 ? 0.1739 0.1184 0.2279 0.0260 0.0675 -0.0089 1 VAL Z H2   
10  H H3   . VAL A 1 ? 0.5523 0.4959 0.6047 0.0291 0.0619 -0.0093 1 VAL Z H3   
11  H HA   . VAL A 1 ? 0.1638 0.1051 0.2061 0.0282 0.0672 -0.0030 1 VAL Z HA   
12  H HB   . VAL A 1 ? 0.2264 0.1653 0.2665 0.0307 0.0619 -0.0033 1 VAL Z HB   
13  H HG11 . VAL A 1 ? 0.2301 0.1647 0.2596 0.0310 0.0646 0.0012  1 VAL Z HG11 
14  H HG12 . VAL A 1 ? 0.2222 0.1606 0.2581 0.0291 0.0666 0.0015  1 VAL Z HG12 
15  H HG13 . VAL A 1 ? 0.2273 0.1651 0.2610 0.0293 0.0675 0.0011  1 VAL Z HG13 
16  H HG21 . VAL A 1 ? 0.2300 0.1642 0.2605 0.0329 0.0602 -0.0031 1 VAL Z HG21 
17  H HG22 . VAL A 1 ? 0.2246 0.1622 0.2598 0.0312 0.0632 -0.0038 1 VAL Z HG22 
18  H HG23 . VAL A 1 ? 0.2214 0.1599 0.2608 0.0323 0.0596 -0.0068 1 VAL Z HG23 
19  N N    . GLN A 2 ? 0.1150 0.0579 0.1587 0.0254 0.0699 0.0003  2 GLN Z N    
20  C CA   . GLN A 2 ? 0.1035 0.0503 0.1453 0.0185 0.0690 0.0049  2 GLN Z CA   
21  C C    . GLN A 2 ? 0.1197 0.0627 0.1617 0.0251 0.0724 0.0037  2 GLN Z C    
22  O O    . GLN A 2 ? 0.1066 0.0514 0.1444 0.0207 0.0710 0.0070  2 GLN Z O    
23  C CB   . GLN A 2 ? 0.1115 0.0554 0.1569 0.0218 0.0728 0.0018  2 GLN Z CB   
24  C CG   . GLN A 2 ? 0.1384 0.0817 0.1847 0.0218 0.0746 0.0020  2 GLN Z CG   
25  C CD   . GLN A 2 ? 0.1440 0.0856 0.1892 0.0206 0.0761 0.0021  2 GLN Z CD   
26  O OE1  . GLN A 2 ? 0.1465 0.0870 0.1897 0.0212 0.0762 0.0031  2 GLN Z OE1  
27  N NE2  . GLN A 2 ? 0.1495 0.0902 0.1955 0.0187 0.0773 0.0012  2 GLN Z NE2  
28  H H    . GLN A 2 ? 0.1268 0.0690 0.1692 0.0262 0.0707 0.0003  2 GLN Z H    
29  H HA   . GLN A 2 ? 0.1187 0.0626 0.1655 0.0242 0.0711 0.0007  2 GLN Z HA   
30  H HB2  . GLN A 2 ? 0.1278 0.0709 0.1759 0.0227 0.0734 -0.0010 2 GLN Z HB2  
31  H HB3  . GLN A 2 ? 0.1121 0.0556 0.1556 0.0220 0.0732 0.0028  2 GLN Z HB3  
32  H HG2  . GLN A 2 ? 0.1562 0.1002 0.2013 0.0223 0.0744 0.0036  2 GLN Z HG2  
33  H HG3  . GLN A 2 ? 0.1449 0.0890 0.1933 0.0211 0.0743 0.0009  2 GLN Z HG3  
34  H HE21 . GLN A 2 ? 0.1436 0.0855 0.1918 0.0182 0.0772 0.0004  2 GLN Z HE21 
35  H HE22 . GLN A 2 ? 0.1540 0.0926 0.1982 0.0178 0.0784 0.0014  2 GLN Z HE22 
36  N N    . ILE A 3 ? 0.1028 0.0495 0.1415 0.0187 0.0699 0.0082  3 ILE Z N    
37  C CA   . ILE A 3 ? 0.1039 0.0496 0.1411 0.0193 0.0712 0.0095  3 ILE Z CA   
38  C C    . ILE A 3 ? 0.1128 0.0579 0.1555 0.0238 0.0746 0.0068  3 ILE Z C    
39  O O    . ILE A 3 ? 0.1224 0.0679 0.1666 0.0232 0.0742 0.0064  3 ILE Z O    
40  C CB   . ILE A 3 ? 0.1506 0.0917 0.1876 0.0258 0.0735 0.0069  3 ILE Z CB   
41  C CG1  . ILE A 3 ? 0.1753 0.1140 0.2090 0.0271 0.0722 0.0061  3 ILE Z CG1  
42  C CG2  . ILE A 3 ? 0.1805 0.1213 0.2163 0.0255 0.0757 0.0079  3 ILE Z CG2  
43  C CD1  . ILE A 3 ? 0.3029 0.2377 0.3313 0.0281 0.0716 0.0067  3 ILE Z CD1  
44  H H    . ILE A 3 ? 0.1012 0.0493 0.1409 0.0169 0.0686 0.0085  3 ILE Z H    
45  H HA   . ILE A 3 ? 0.1050 0.0504 0.1414 0.0195 0.0718 0.0099  3 ILE Z HA   
46  H HB   . ILE A 3 ? 0.1539 0.0949 0.1917 0.0258 0.0727 0.0067  3 ILE Z HB   
47  H HG12 . ILE A 3 ? 0.1717 0.1105 0.2047 0.0270 0.0732 0.0062  3 ILE Z HG12 
48  H HG13 . ILE A 3 ? 0.1867 0.1260 0.2222 0.0273 0.0707 0.0049  3 ILE Z HG13 
49  H HG21 . ILE A 3 ? 0.1913 0.1296 0.2239 0.0259 0.0760 0.0084  3 ILE Z HG21 
50  H HG22 . ILE A 3 ? 0.1821 0.1246 0.2203 0.0248 0.0763 0.0082  3 ILE Z HG22 
51  H HG23 . ILE A 3 ? 0.1843 0.1254 0.2200 0.0256 0.0764 0.0078  3 ILE Z HG23 
52  H HD11 . ILE A 3 ? 0.3039 0.2371 0.3301 0.0290 0.0699 0.0060  3 ILE Z HD11 
53  H HD12 . ILE A 3 ? 0.3042 0.2388 0.3333 0.0282 0.0708 0.0070  3 ILE Z HD12 
54  H HD13 . ILE A 3 ? 0.3053 0.2390 0.3314 0.0277 0.0736 0.0076  3 ILE Z HD13 
55  N N    . VAL A 4 ? 0.1021 0.0493 0.1422 0.0184 0.0728 0.0105  4 VAL Z N    
56  C CA   . VAL A 4 ? 0.1074 0.0549 0.1517 0.0217 0.0754 0.0082  4 VAL Z CA   
57  C C    . VAL A 4 ? 0.1355 0.0839 0.1810 0.0230 0.0767 0.0080  4 VAL Z C    
58  O O    . VAL A 4 ? 0.1225 0.0708 0.1680 0.0237 0.0768 0.0080  4 VAL Z O    
59  C CB   . VAL A 4 ? 0.1567 0.1032 0.2010 0.0219 0.0755 0.0075  4 VAL Z CB   
60  C CG1  . VAL A 4 ? 0.1606 0.1078 0.2054 0.0209 0.0756 0.0077  4 VAL Z CG1  
61  C CG2  . VAL A 4 ? 0.1620 0.1072 0.2062 0.0212 0.0755 0.0064  4 VAL Z CG2  
62  H H    . VAL A 4 ? 0.1216 0.0672 0.1640 0.0240 0.0758 0.0075  4 VAL Z H    
63  H HA   . VAL A 4 ? 0.1270 0.0748 0.1727 0.0220 0.0758 0.0075  4 VAL Z HA   
64  H HB   . VAL A 4 ? 0.1618 0.1078 0.2055 0.0227 0.0753 0.0078  4 VAL Z HB   
65  H HG11 . VAL A 4 ? 0.1648 0.1104 0.2082 0.0203 0.0754 0.0076  4 VAL Z HG11 
66  H HG12 . VAL A 4 ? 0.1645 0.1128 0.2099 0.0216 0.0754 0.0081  4 VAL Z HG12 
67  H HG13 . VAL A 4 ? 0.1622 0.1103 0.2083 0.0203 0.0759 0.0075  4 VAL Z HG13 
68  H HG21 . VAL A 4 ? 0.1698 0.1139 0.2134 0.0205 0.0758 0.0063  4 VAL Z HG21 
69  H HG22 . VAL A 4 ? 0.1618 0.1079 0.2076 0.0208 0.0754 0.0059  4 VAL Z HG22 
70  H HG23 . VAL A 4 ? 0.1542 0.0989 0.1980 0.0220 0.0752 0.0061  4 VAL Z HG23 
71  N N    . TYR A 5 ? 0.1040 0.0537 0.1498 0.0203 0.0761 0.0094  5 TYR Z N    
72  C CA   . TYR A 5 ? 0.1094 0.0608 0.1585 0.0224 0.0784 0.0079  5 TYR Z CA   
73  C C    . TYR A 5 ? 0.1543 0.1076 0.2054 0.0219 0.0776 0.0075  5 TYR Z C    
74  O O    . TYR A 5 ? 0.1494 0.1031 0.2006 0.0210 0.0773 0.0076  5 TYR Z O    
75  C CB   . TYR A 5 ? 0.1232 0.0742 0.1723 0.0220 0.0800 0.0079  5 TYR Z CB   
76  C CG   . TYR A 5 ? 0.1430 0.0908 0.1886 0.0226 0.0806 0.0084  5 TYR Z CG   
77  C CD1  . TYR A 5 ? 0.1755 0.1220 0.2198 0.0228 0.0824 0.0081  5 TYR Z CD1  
78  C CD2  . TYR A 5 ? 0.1597 0.1057 0.2030 0.0228 0.0794 0.0089  5 TYR Z CD2  
79  C CE1  . TYR A 5 ? 0.1751 0.1177 0.2147 0.0232 0.0831 0.0086  5 TYR Z CE1  
80  C CE2  . TYR A 5 ? 0.1736 0.1160 0.2127 0.0237 0.0793 0.0092  5 TYR Z CE2  
81  C CZ   . TYR A 5 ? 0.2483 0.1887 0.2849 0.0238 0.0812 0.0093  5 TYR Z CZ   
82  O OH   . TYR A 5 ? 0.2475 0.1834 0.2783 0.0245 0.0813 0.0097  5 TYR Z OH   
83  H H    . TYR A 5 ? 0.1058 0.0556 0.1519 0.0197 0.0759 0.0093  5 TYR Z H    
84  H HA   . TYR A 5 ? 0.1120 0.0631 0.1611 0.0230 0.0787 0.0076  5 TYR Z HA   
85  H HB2  . TYR A 5 ? 0.1313 0.0826 0.1809 0.0213 0.0797 0.0081  5 TYR Z HB2  
86  H HB3  . TYR A 5 ? 0.1284 0.0806 0.1793 0.0218 0.0812 0.0074  5 TYR Z HB3  
87  H HD1  . TYR A 5 ? 0.1757 0.1240 0.2228 0.0226 0.0834 0.0073  5 TYR Z HD1  
88  H HD2  . TYR A 5 ? 0.1547 0.1018 0.1996 0.0224 0.0783 0.0087  5 TYR Z HD2  
89  H HE1  . TYR A 5 ? 0.1810 0.1222 0.2193 0.0231 0.0850 0.0082  5 TYR Z HE1  
90  H HE2  . TYR A 5 ? 0.1640 0.1051 0.2019 0.0241 0.0777 0.0093  5 TYR Z HE2  
91  H HH   . TYR A 5 ? 0.2430 0.1777 0.2726 0.0251 0.0794 0.0100  5 TYR Z HH   
92  N N    . LYS A 6 ? 0.1293 0.0836 0.1821 0.0228 0.0770 0.0068  6 LYS Z N    
93  C CA   . LYS A 6 ? 0.1472 0.1028 0.2013 0.0229 0.0754 0.0063  6 LYS Z CA   
94  C C    . LYS A 6 ? 0.1708 0.1290 0.2294 0.0236 0.0755 0.0045  6 LYS Z C    
95  O O    . LYS A 6 ? 0.1764 0.1351 0.2370 0.0240 0.0772 0.0038  6 LYS Z O    
96  C CB   . LYS A 6 ? 0.1802 0.1334 0.2313 0.0235 0.0732 0.0068  6 LYS Z CB   
97  C CG   . LYS A 6 ? 0.1905 0.1409 0.2378 0.0226 0.0735 0.0078  6 LYS Z CG   
98  C CD   . LYS A 6 ? 0.1825 0.1294 0.2261 0.0229 0.0719 0.0083  6 LYS Z CD   
99  C CE   . LYS A 6 ? 0.2167 0.1608 0.2574 0.0218 0.0729 0.0087  6 LYS Z CE   
100 N NZ   . LYS A 6 ? 0.2393 0.1789 0.2752 0.0214 0.0721 0.0091  6 LYS Z NZ   
101 O OXT  . LYS A 6 ? 0.2799 0.2397 0.3403 0.0237 0.0741 0.0036  6 LYS Z OXT  
102 H H    . LYS A 6 ? 0.1261 0.0802 0.1795 0.0235 0.0773 0.0065  6 LYS Z H    
103 H HA   . LYS A 6 ? 0.1401 0.0962 0.1941 0.0218 0.0756 0.0064  6 LYS Z HA   
104 H HB2  . LYS A 6 ? 0.1795 0.1325 0.2314 0.0246 0.0727 0.0065  6 LYS Z HB2  
105 H HB3  . LYS A 6 ? 0.1836 0.1367 0.2342 0.0234 0.0719 0.0066  6 LYS Z HB3  
106 H HG2  . LYS A 6 ? 0.1902 0.1409 0.2374 0.0214 0.0742 0.0079  6 LYS Z HG2  
107 H HG3  . LYS A 6 ? 0.1958 0.1458 0.2432 0.0230 0.0743 0.0079  6 LYS Z HG3  
108 H HD2  . LYS A 6 ? 0.1869 0.1336 0.2311 0.0243 0.0710 0.0082  6 LYS Z HD2  
109 H HD3  . LYS A 6 ? 0.1876 0.1341 0.2301 0.0225 0.0711 0.0082  6 LYS Z HD3  
110 H HE2  . LYS A 6 ? 0.2164 0.1614 0.2578 0.0206 0.0740 0.0084  6 LYS Z HE2  
111 H HE3  . LYS A 6 ? 0.2132 0.1574 0.2545 0.0225 0.0732 0.0086  6 LYS Z HE3  
112 H HZ1  . LYS A 6 ? 0.2387 0.1766 0.2733 0.0205 0.0732 0.0090  6 LYS Z HZ1  
113 H HZ2  . LYS A 6 ? 0.2425 0.1812 0.2777 0.0228 0.0708 0.0094  6 LYS Z HZ2  
114 H HZ3  . LYS A 6 ? 0.2392 0.1784 0.2738 0.0207 0.0718 0.0091  6 LYS Z HZ3  
# 
